data_2LJ9
#
_entry.id   2LJ9
#
_entity_poly.entity_id   1
_entity_poly.type   'polypeptide(L)'
_entity_poly.pdbx_seq_one_letter_code
;MGSSHHHHHHSSGLVPRGSHMAAPEGGISDVVEKSIKEAQETCAGDPVSGECVAAWDEVEELSAAASHARDKKKADGSDP
LEEYCKDNPETNECRTYDN
;
_entity_poly.pdbx_strand_id   A
#
# COMPACT_ATOMS: atom_id res chain seq x y z
N SER A 78 0.69 -12.45 1.45
CA SER A 78 1.80 -11.86 2.23
C SER A 78 1.30 -11.21 3.52
N ASP A 79 2.22 -10.60 4.25
CA ASP A 79 1.88 -9.92 5.49
C ASP A 79 0.92 -8.77 5.20
N PRO A 80 0.19 -8.29 6.22
CA PRO A 80 -0.76 -7.19 6.08
C PRO A 80 -0.18 -5.97 5.34
N LEU A 81 1.12 -5.99 5.15
CA LEU A 81 1.81 -4.90 4.47
C LEU A 81 1.38 -4.81 3.01
N GLU A 82 1.28 -5.97 2.35
CA GLU A 82 0.89 -6.01 0.95
C GLU A 82 -0.56 -5.57 0.76
N GLU A 83 -1.46 -6.21 1.50
CA GLU A 83 -2.88 -5.88 1.42
C GLU A 83 -3.10 -4.41 1.74
N TYR A 84 -2.23 -3.85 2.57
CA TYR A 84 -2.37 -2.46 2.94
C TYR A 84 -2.21 -1.57 1.73
N CYS A 85 -1.04 -1.62 1.12
CA CYS A 85 -0.80 -0.80 -0.05
C CYS A 85 -1.91 -1.03 -1.08
N LYS A 86 -2.65 -2.11 -0.94
CA LYS A 86 -3.76 -2.39 -1.83
C LYS A 86 -4.99 -1.64 -1.32
N ASP A 87 -5.17 -1.63 0.00
CA ASP A 87 -6.32 -0.98 0.64
C ASP A 87 -6.03 0.40 1.27
N ASN A 88 -4.81 0.94 1.10
CA ASN A 88 -4.45 2.22 1.72
C ASN A 88 -4.64 3.44 0.82
N PRO A 89 -5.85 4.02 0.80
CA PRO A 89 -6.14 5.23 0.03
C PRO A 89 -5.00 6.24 0.13
N GLU A 90 -4.24 6.14 1.22
CA GLU A 90 -3.09 7.02 1.44
C GLU A 90 -1.78 6.23 1.26
N THR A 91 -1.83 4.94 1.61
CA THR A 91 -0.67 4.04 1.48
C THR A 91 -0.90 3.00 0.39
N ASN A 92 -2.06 3.05 -0.24
CA ASN A 92 -2.31 2.18 -1.37
C ASN A 92 -1.78 2.95 -2.56
N GLU A 93 -1.54 4.22 -2.27
CA GLU A 93 -0.96 5.17 -3.19
C GLU A 93 0.51 5.17 -2.89
N CYS A 94 0.85 4.36 -1.89
CA CYS A 94 2.19 4.29 -1.39
C CYS A 94 3.19 4.15 -2.53
N ARG A 95 2.72 3.49 -3.58
CA ARG A 95 3.53 3.27 -4.77
C ARG A 95 3.79 4.58 -5.51
N THR A 96 2.80 5.46 -5.48
CA THR A 96 2.91 6.76 -6.16
C THR A 96 3.39 7.83 -5.19
N TYR A 97 2.56 8.11 -4.17
CA TYR A 97 2.89 9.12 -3.18
C TYR A 97 3.62 8.50 -1.98
N ASP A 98 4.17 9.35 -1.13
CA ASP A 98 4.88 8.89 0.05
C ASP A 98 4.04 9.07 1.30
N ASN A 99 4.12 8.09 2.20
CA ASN A 99 3.36 8.14 3.45
C ASN A 99 4.20 7.62 4.62
N SER A 78 1.55 -12.53 0.21
CA SER A 78 2.76 -11.69 0.40
C SER A 78 2.75 -11.01 1.75
N ASP A 79 3.74 -10.15 1.97
CA ASP A 79 3.85 -9.40 3.22
C ASP A 79 2.62 -8.53 3.41
N PRO A 80 2.35 -8.10 4.65
CA PRO A 80 1.19 -7.24 4.96
C PRO A 80 1.04 -6.05 4.02
N LEU A 81 2.07 -5.80 3.24
CA LEU A 81 2.07 -4.70 2.29
C LEU A 81 0.91 -4.82 1.31
N GLU A 82 0.52 -6.05 1.01
CA GLU A 82 -0.58 -6.30 0.08
C GLU A 82 -1.88 -5.72 0.61
N GLU A 83 -2.23 -6.11 1.83
CA GLU A 83 -3.45 -5.63 2.46
C GLU A 83 -3.36 -4.13 2.68
N TYR A 84 -2.15 -3.64 2.80
CA TYR A 84 -1.95 -2.23 3.04
C TYR A 84 -2.51 -1.40 1.91
N CYS A 85 -2.00 -1.59 0.70
CA CYS A 85 -2.52 -0.82 -0.41
C CYS A 85 -4.00 -1.17 -0.61
N LYS A 86 -4.43 -2.31 -0.07
CA LYS A 86 -5.82 -2.71 -0.15
C LYS A 86 -6.65 -1.74 0.69
N ASP A 87 -6.13 -1.39 1.86
CA ASP A 87 -6.80 -0.44 2.73
C ASP A 87 -6.44 0.98 2.33
N ASN A 88 -5.19 1.16 1.90
CA ASN A 88 -4.67 2.44 1.45
C ASN A 88 -4.17 2.25 0.02
N PRO A 89 -5.11 2.14 -0.94
CA PRO A 89 -4.78 1.90 -2.34
C PRO A 89 -4.34 3.12 -3.13
N GLU A 90 -4.16 4.27 -2.48
CA GLU A 90 -3.73 5.42 -3.27
C GLU A 90 -2.27 5.81 -3.03
N THR A 91 -1.85 6.11 -1.80
CA THR A 91 -0.45 6.43 -1.59
C THR A 91 0.08 6.11 -0.23
N ASN A 92 -0.77 6.16 0.76
CA ASN A 92 -0.32 5.94 2.12
C ASN A 92 0.59 4.74 2.16
N GLU A 93 0.13 3.67 1.56
CA GLU A 93 0.90 2.47 1.46
C GLU A 93 1.42 2.37 0.07
N CYS A 94 0.72 3.10 -0.78
CA CYS A 94 0.95 3.05 -2.16
C CYS A 94 1.83 4.19 -2.67
N ARG A 95 2.69 4.69 -1.79
CA ARG A 95 3.60 5.78 -2.16
C ARG A 95 4.64 5.29 -3.17
N THR A 96 5.00 4.02 -3.06
CA THR A 96 5.98 3.43 -3.96
C THR A 96 5.32 2.39 -4.86
N TYR A 97 4.36 1.67 -4.31
CA TYR A 97 3.65 0.63 -5.06
C TYR A 97 2.62 1.26 -6.00
N ASP A 98 1.80 0.41 -6.62
CA ASP A 98 0.77 0.87 -7.53
C ASP A 98 1.37 1.67 -8.68
N ASN A 99 0.61 1.83 -9.76
CA ASN A 99 1.07 2.57 -10.93
C ASN A 99 0.54 4.00 -10.91
N SER A 78 -1.81 -12.43 1.57
CA SER A 78 -0.36 -12.15 1.44
C SER A 78 0.19 -11.48 2.70
N ASP A 79 1.46 -11.12 2.65
CA ASP A 79 2.12 -10.46 3.76
C ASP A 79 1.46 -9.10 4.01
N PRO A 80 1.65 -8.53 5.21
CA PRO A 80 1.06 -7.23 5.58
C PRO A 80 1.29 -6.15 4.54
N LEU A 81 2.16 -6.44 3.58
CA LEU A 81 2.48 -5.50 2.52
C LEU A 81 1.32 -5.33 1.56
N GLU A 82 0.81 -6.45 1.06
CA GLU A 82 -0.30 -6.43 0.12
C GLU A 82 -1.56 -5.85 0.76
N GLU A 83 -1.82 -6.24 2.01
CA GLU A 83 -2.99 -5.76 2.72
C GLU A 83 -2.98 -4.25 2.84
N TYR A 84 -1.78 -3.68 2.92
CA TYR A 84 -1.67 -2.24 3.05
C TYR A 84 -2.17 -1.55 1.81
N CYS A 85 -1.53 -1.81 0.68
CA CYS A 85 -1.94 -1.18 -0.56
C CYS A 85 -3.44 -1.39 -0.79
N LYS A 86 -4.00 -2.40 -0.11
CA LYS A 86 -5.43 -2.64 -0.17
C LYS A 86 -6.10 -1.67 0.80
N ASP A 87 -5.47 -1.50 1.96
CA ASP A 87 -5.95 -0.57 2.98
C ASP A 87 -5.40 0.84 2.73
N ASN A 88 -4.57 0.97 1.69
CA ASN A 88 -3.93 2.22 1.30
C ASN A 88 -4.67 2.92 0.16
N PRO A 89 -5.82 3.57 0.46
CA PRO A 89 -6.59 4.31 -0.53
C PRO A 89 -5.86 5.60 -0.89
N GLU A 90 -5.50 6.36 0.16
CA GLU A 90 -4.73 7.59 0.00
C GLU A 90 -3.25 7.24 0.13
N THR A 91 -3.00 5.96 0.30
CA THR A 91 -1.66 5.40 0.42
C THR A 91 -1.53 4.30 -0.61
N ASN A 92 -2.47 4.28 -1.57
CA ASN A 92 -2.40 3.38 -2.71
C ASN A 92 -1.13 3.81 -3.43
N GLU A 93 -0.60 4.86 -2.83
CA GLU A 93 0.63 5.52 -3.20
C GLU A 93 1.71 4.86 -2.40
N CYS A 94 1.26 3.80 -1.70
CA CYS A 94 2.02 3.04 -0.75
C CYS A 94 3.40 2.65 -1.26
N ARG A 95 3.91 3.50 -2.11
CA ARG A 95 5.24 3.33 -2.70
C ARG A 95 6.32 3.95 -1.81
N THR A 96 5.93 4.37 -0.60
CA THR A 96 6.84 4.99 0.35
C THR A 96 7.70 6.07 -0.29
N TYR A 97 8.53 6.71 0.53
CA TYR A 97 9.41 7.78 0.06
C TYR A 97 10.86 7.31 0.05
N ASP A 98 11.36 6.91 1.22
CA ASP A 98 12.72 6.44 1.35
C ASP A 98 12.82 4.96 1.02
N ASN A 99 14.02 4.49 0.72
CA ASN A 99 14.25 3.09 0.38
C ASN A 99 14.69 2.29 1.61
N SER A 78 0.23 -12.60 0.46
CA SER A 78 1.57 -11.96 0.61
C SER A 78 1.70 -11.25 1.95
N ASP A 79 2.83 -10.59 2.15
CA ASP A 79 3.09 -9.86 3.38
C ASP A 79 2.06 -8.75 3.54
N PRO A 80 1.89 -8.24 4.77
CA PRO A 80 0.92 -7.18 5.07
C PRO A 80 0.98 -6.00 4.10
N LEU A 81 2.02 -5.98 3.28
CA LEU A 81 2.20 -4.91 2.31
C LEU A 81 1.06 -4.89 1.30
N GLU A 82 0.64 -6.08 0.87
CA GLU A 82 -0.45 -6.20 -0.09
C GLU A 82 -1.75 -5.63 0.47
N GLU A 83 -2.11 -6.08 1.66
CA GLU A 83 -3.32 -5.60 2.31
C GLU A 83 -3.21 -4.12 2.60
N TYR A 84 -1.99 -3.64 2.78
CA TYR A 84 -1.78 -2.24 3.07
C TYR A 84 -2.42 -1.37 2.02
N CYS A 85 -1.97 -1.50 0.78
CA CYS A 85 -2.55 -0.70 -0.27
C CYS A 85 -4.03 -1.06 -0.42
N LYS A 86 -4.42 -2.25 0.06
CA LYS A 86 -5.81 -2.64 0.01
C LYS A 86 -6.62 -1.68 0.87
N ASP A 87 -6.05 -1.32 2.02
CA ASP A 87 -6.70 -0.36 2.92
C ASP A 87 -6.31 1.05 2.47
N ASN A 88 -5.06 1.17 1.99
CA ASN A 88 -4.52 2.41 1.49
C ASN A 88 -4.28 2.24 -0.01
N PRO A 89 -5.38 2.24 -0.79
CA PRO A 89 -5.34 1.99 -2.24
C PRO A 89 -4.71 3.07 -3.08
N GLU A 90 -4.41 4.25 -2.52
CA GLU A 90 -3.85 5.27 -3.40
C GLU A 90 -2.36 5.56 -3.20
N THR A 91 -1.90 5.96 -2.01
CA THR A 91 -0.47 6.20 -1.86
C THR A 91 0.05 6.02 -0.47
N ASN A 92 -0.78 6.26 0.50
CA ASN A 92 -0.33 6.18 1.87
C ASN A 92 0.63 5.03 2.04
N GLU A 93 0.20 3.88 1.57
CA GLU A 93 1.02 2.71 1.60
C GLU A 93 1.52 2.45 0.22
N CYS A 94 0.80 3.07 -0.71
CA CYS A 94 1.05 2.84 -2.08
C CYS A 94 1.90 3.93 -2.73
N ARG A 95 2.67 4.62 -1.90
CA ARG A 95 3.54 5.68 -2.38
C ARG A 95 4.83 5.09 -2.97
N THR A 96 5.23 3.94 -2.46
CA THR A 96 6.43 3.27 -2.94
C THR A 96 6.24 2.73 -4.35
N TYR A 97 7.10 1.83 -4.77
CA TYR A 97 7.02 1.25 -6.11
C TYR A 97 5.76 0.39 -6.25
N ASP A 98 5.70 -0.40 -7.33
CA ASP A 98 4.55 -1.26 -7.57
C ASP A 98 4.96 -2.48 -8.38
N ASN A 99 4.17 -3.55 -8.26
CA ASN A 99 4.46 -4.79 -8.97
C ASN A 99 3.36 -5.83 -8.71
N SER A 78 0.87 -12.50 -0.25
CA SER A 78 2.16 -11.80 0.00
C SER A 78 2.22 -11.26 1.43
N ASP A 79 3.29 -10.55 1.72
CA ASP A 79 3.48 -9.95 3.03
C ASP A 79 2.33 -8.98 3.33
N PRO A 80 2.11 -8.66 4.62
CA PRO A 80 1.04 -7.75 5.04
C PRO A 80 0.97 -6.46 4.22
N LEU A 81 2.01 -6.22 3.44
CA LEU A 81 2.09 -5.02 2.61
C LEU A 81 0.96 -5.01 1.57
N GLU A 82 0.56 -6.20 1.13
CA GLU A 82 -0.50 -6.32 0.13
C GLU A 82 -1.80 -5.74 0.65
N GLU A 83 -2.15 -6.08 1.89
CA GLU A 83 -3.37 -5.58 2.50
C GLU A 83 -3.27 -4.09 2.73
N TYR A 84 -2.04 -3.60 2.88
CA TYR A 84 -1.85 -2.18 3.11
C TYR A 84 -2.46 -1.37 1.99
N CYS A 85 -1.96 -1.58 0.77
CA CYS A 85 -2.50 -0.84 -0.36
C CYS A 85 -3.98 -1.20 -0.53
N LYS A 86 -4.39 -2.34 0.03
CA LYS A 86 -5.79 -2.74 -0.04
C LYS A 86 -6.61 -1.75 0.77
N ASP A 87 -6.08 -1.35 1.93
CA ASP A 87 -6.75 -0.36 2.78
C ASP A 87 -6.35 1.04 2.33
N ASN A 88 -5.09 1.18 1.90
CA ASN A 88 -4.55 2.43 1.42
C ASN A 88 -4.09 2.20 -0.02
N PRO A 89 -5.05 2.09 -0.95
CA PRO A 89 -4.75 1.80 -2.36
C PRO A 89 -4.31 2.99 -3.20
N GLU A 90 -4.17 4.18 -2.62
CA GLU A 90 -3.75 5.29 -3.46
C GLU A 90 -2.32 5.73 -3.24
N THR A 91 -1.92 6.13 -2.02
CA THR A 91 -0.53 6.51 -1.83
C THR A 91 0.01 6.33 -0.46
N ASN A 92 -0.85 6.44 0.54
CA ASN A 92 -0.40 6.35 1.89
C ASN A 92 0.57 5.20 2.04
N GLU A 93 0.13 4.07 1.57
CA GLU A 93 0.95 2.88 1.57
C GLU A 93 1.41 2.64 0.18
N CYS A 94 0.68 3.28 -0.73
CA CYS A 94 0.87 3.07 -2.09
C CYS A 94 1.73 4.15 -2.75
N ARG A 95 2.56 4.81 -1.94
CA ARG A 95 3.43 5.86 -2.44
C ARG A 95 4.55 5.27 -3.30
N THR A 96 5.11 4.14 -2.84
CA THR A 96 6.19 3.46 -3.55
C THR A 96 7.22 4.44 -4.10
N TYR A 97 8.09 3.95 -4.96
CA TYR A 97 9.14 4.77 -5.58
C TYR A 97 8.97 4.83 -7.09
N ASP A 98 8.79 3.65 -7.70
CA ASP A 98 8.63 3.57 -9.15
C ASP A 98 7.74 2.38 -9.52
N ASN A 99 7.34 2.33 -10.78
CA ASN A 99 6.48 1.25 -11.26
C ASN A 99 6.84 0.88 -12.70
N SER A 78 0.03 -12.11 -1.12
CA SER A 78 1.36 -11.48 -0.92
C SER A 78 1.63 -11.23 0.55
N ASP A 79 2.78 -10.62 0.83
CA ASP A 79 3.15 -10.28 2.20
C ASP A 79 2.12 -9.34 2.81
N PRO A 80 2.08 -9.26 4.15
CA PRO A 80 1.13 -8.38 4.86
C PRO A 80 1.05 -6.97 4.30
N LEU A 81 1.99 -6.63 3.44
CA LEU A 81 2.04 -5.31 2.82
C LEU A 81 0.92 -5.15 1.79
N GLU A 82 0.46 -6.27 1.25
CA GLU A 82 -0.60 -6.25 0.25
C GLU A 82 -1.87 -5.64 0.82
N GLU A 83 -2.21 -6.03 2.04
CA GLU A 83 -3.40 -5.53 2.71
C GLU A 83 -3.29 -4.03 2.94
N TYR A 84 -2.05 -3.55 3.08
CA TYR A 84 -1.84 -2.14 3.32
C TYR A 84 -2.37 -1.31 2.16
N CYS A 85 -1.80 -1.53 0.97
CA CYS A 85 -2.27 -0.79 -0.19
C CYS A 85 -3.77 -1.02 -0.39
N LYS A 86 -4.29 -2.09 0.22
CA LYS A 86 -5.72 -2.37 0.14
C LYS A 86 -6.44 -1.39 1.08
N ASP A 87 -5.84 -1.17 2.25
CA ASP A 87 -6.38 -0.20 3.21
C ASP A 87 -6.01 1.21 2.73
N ASN A 88 -4.89 1.26 2.02
CA ASN A 88 -4.35 2.46 1.41
C ASN A 88 -4.34 2.23 -0.10
N PRO A 89 -5.54 2.28 -0.70
CA PRO A 89 -5.77 1.98 -2.11
C PRO A 89 -4.94 2.76 -3.10
N GLU A 90 -4.63 4.02 -2.83
CA GLU A 90 -3.91 4.77 -3.87
C GLU A 90 -2.44 5.08 -3.64
N THR A 91 -2.05 5.78 -2.56
CA THR A 91 -0.63 6.09 -2.43
C THR A 91 -0.12 6.23 -1.03
N ASN A 92 -0.97 6.65 -0.11
CA ASN A 92 -0.49 6.88 1.22
C ASN A 92 0.44 5.78 1.66
N GLU A 93 0.06 4.57 1.37
CA GLU A 93 0.92 3.44 1.64
C GLU A 93 1.54 3.01 0.34
N CYS A 94 0.84 3.40 -0.73
CA CYS A 94 1.19 2.98 -2.03
C CYS A 94 2.10 3.98 -2.75
N ARG A 95 2.81 4.78 -1.98
CA ARG A 95 3.72 5.77 -2.53
C ARG A 95 4.91 5.10 -3.21
N THR A 96 5.29 3.92 -2.72
CA THR A 96 6.40 3.17 -3.28
C THR A 96 5.89 2.01 -4.13
N TYR A 97 6.80 1.10 -4.49
CA TYR A 97 6.43 -0.05 -5.31
C TYR A 97 6.48 -1.34 -4.49
N ASP A 98 7.61 -1.57 -3.83
CA ASP A 98 7.79 -2.77 -3.03
C ASP A 98 9.07 -2.68 -2.19
N ASN A 99 9.19 -3.57 -1.21
CA ASN A 99 10.36 -3.61 -0.34
C ASN A 99 10.95 -5.01 -0.26
N SER A 78 -0.10 -12.77 0.66
CA SER A 78 1.27 -12.22 0.85
C SER A 78 1.38 -11.50 2.19
N ASP A 79 2.55 -10.90 2.41
CA ASP A 79 2.80 -10.16 3.64
C ASP A 79 1.80 -9.01 3.77
N PRO A 80 1.61 -8.49 5.00
CA PRO A 80 0.68 -7.39 5.24
C PRO A 80 0.80 -6.23 4.26
N LEU A 81 1.87 -6.25 3.48
CA LEU A 81 2.12 -5.21 2.49
C LEU A 81 0.99 -5.15 1.47
N GLU A 82 0.56 -6.32 1.01
CA GLU A 82 -0.52 -6.40 0.03
C GLU A 82 -1.80 -5.79 0.59
N GLU A 83 -2.11 -6.14 1.83
CA GLU A 83 -3.31 -5.64 2.49
C GLU A 83 -3.18 -4.13 2.71
N TYR A 84 -1.96 -3.65 2.83
CA TYR A 84 -1.74 -2.24 3.05
C TYR A 84 -2.35 -1.42 1.94
N CYS A 85 -1.88 -1.62 0.71
CA CYS A 85 -2.43 -0.88 -0.40
C CYS A 85 -3.91 -1.23 -0.56
N LYS A 86 -4.31 -2.37 0.00
CA LYS A 86 -5.72 -2.78 -0.05
C LYS A 86 -6.52 -1.80 0.79
N ASP A 87 -5.98 -1.42 1.94
CA ASP A 87 -6.64 -0.46 2.81
C ASP A 87 -6.25 0.96 2.39
N ASN A 88 -5.00 1.11 1.94
CA ASN A 88 -4.48 2.37 1.45
C ASN A 88 -4.05 2.17 0.01
N PRO A 89 -5.02 2.07 -0.91
CA PRO A 89 -4.74 1.81 -2.32
C PRO A 89 -4.34 3.02 -3.14
N GLU A 90 -4.19 4.19 -2.54
CA GLU A 90 -3.81 5.33 -3.36
C GLU A 90 -2.37 5.79 -3.17
N THR A 91 -1.96 6.16 -1.95
CA THR A 91 -0.56 6.56 -1.78
C THR A 91 0.01 6.35 -0.42
N ASN A 92 -0.83 6.43 0.59
CA ASN A 92 -0.35 6.31 1.94
C ASN A 92 0.63 5.17 2.04
N GLU A 93 0.20 4.04 1.55
CA GLU A 93 1.02 2.87 1.51
C GLU A 93 1.45 2.66 0.10
N CYS A 94 0.70 3.30 -0.78
CA CYS A 94 0.87 3.12 -2.15
C CYS A 94 1.67 4.24 -2.81
N ARG A 95 2.49 4.91 -2.01
CA ARG A 95 3.31 6.01 -2.50
C ARG A 95 4.35 5.51 -3.49
N THR A 96 4.84 4.29 -3.27
CA THR A 96 5.84 3.70 -4.14
C THR A 96 5.18 2.76 -5.16
N TYR A 97 4.09 2.13 -4.75
CA TYR A 97 3.37 1.21 -5.63
C TYR A 97 2.57 1.97 -6.68
N ASP A 98 1.70 1.26 -7.39
CA ASP A 98 0.87 1.87 -8.42
C ASP A 98 -0.55 2.09 -7.91
N ASN A 99 -1.33 2.84 -8.69
CA ASN A 99 -2.72 3.12 -8.32
C ASN A 99 -3.69 2.39 -9.24
N SER A 78 0.36 -12.01 0.34
CA SER A 78 1.57 -11.56 1.07
C SER A 78 1.22 -11.15 2.49
N ASP A 79 2.21 -10.63 3.20
CA ASP A 79 2.03 -10.17 4.57
C ASP A 79 1.06 -8.98 4.59
N PRO A 80 0.45 -8.70 5.75
CA PRO A 80 -0.49 -7.59 5.90
C PRO A 80 0.00 -6.27 5.32
N LEU A 81 1.27 -6.22 4.98
CA LEU A 81 1.89 -5.03 4.41
C LEU A 81 1.42 -4.79 2.97
N GLU A 82 1.44 -5.85 2.18
CA GLU A 82 1.02 -5.76 0.78
C GLU A 82 -0.45 -5.36 0.68
N GLU A 83 -1.29 -5.99 1.48
CA GLU A 83 -2.71 -5.69 1.48
C GLU A 83 -2.95 -4.23 1.80
N TYR A 84 -2.06 -3.63 2.58
CA TYR A 84 -2.21 -2.24 2.95
C TYR A 84 -2.14 -1.36 1.72
N CYS A 85 -1.00 -1.40 1.03
CA CYS A 85 -0.86 -0.58 -0.16
C CYS A 85 -2.01 -0.86 -1.13
N LYS A 86 -2.71 -1.98 -0.93
CA LYS A 86 -3.84 -2.30 -1.77
C LYS A 86 -5.09 -1.59 -1.23
N ASP A 87 -5.23 -1.55 0.10
CA ASP A 87 -6.38 -0.93 0.76
C ASP A 87 -6.15 0.49 1.31
N ASN A 88 -4.93 1.03 1.20
CA ASN A 88 -4.63 2.36 1.76
C ASN A 88 -4.75 3.53 0.79
N PRO A 89 -5.96 4.07 0.61
CA PRO A 89 -6.18 5.22 -0.26
C PRO A 89 -5.04 6.23 -0.16
N GLU A 90 -4.43 6.29 1.02
CA GLU A 90 -3.30 7.18 1.28
C GLU A 90 -1.98 6.41 1.23
N THR A 91 -2.05 5.13 1.59
CA THR A 91 -0.89 4.24 1.57
C THR A 91 -1.07 3.14 0.53
N ASN A 92 -2.17 3.21 -0.20
CA ASN A 92 -2.40 2.29 -1.30
C ASN A 92 -1.75 2.95 -2.48
N GLU A 93 -1.47 4.22 -2.26
CA GLU A 93 -0.77 5.04 -3.21
C GLU A 93 0.68 5.02 -2.81
N CYS A 94 0.93 4.30 -1.70
CA CYS A 94 2.24 4.22 -1.14
C CYS A 94 3.25 3.81 -2.20
N ARG A 95 2.77 3.05 -3.16
CA ARG A 95 3.61 2.57 -4.26
C ARG A 95 3.36 3.38 -5.53
N THR A 96 2.17 3.97 -5.63
CA THR A 96 1.80 4.76 -6.79
C THR A 96 2.55 6.09 -6.80
N TYR A 97 2.30 6.92 -5.81
CA TYR A 97 2.95 8.22 -5.70
C TYR A 97 4.47 8.07 -5.63
N ASP A 98 5.16 9.18 -5.44
CA ASP A 98 6.62 9.16 -5.34
C ASP A 98 7.07 9.10 -3.89
N ASN A 99 8.37 8.95 -3.69
CA ASN A 99 8.93 8.87 -2.35
C ASN A 99 9.64 10.18 -1.97
N SER A 78 1.35 -12.31 -0.43
CA SER A 78 2.57 -11.47 -0.32
C SER A 78 2.72 -10.88 1.08
N ASP A 79 3.67 -9.96 1.21
CA ASP A 79 3.92 -9.29 2.47
C ASP A 79 2.74 -8.40 2.83
N PRO A 80 2.61 -8.04 4.13
CA PRO A 80 1.52 -7.17 4.61
C PRO A 80 1.34 -5.89 3.80
N LEU A 81 2.26 -5.64 2.90
CA LEU A 81 2.23 -4.46 2.06
C LEU A 81 1.05 -4.50 1.09
N GLU A 82 0.60 -5.70 0.74
CA GLU A 82 -0.51 -5.86 -0.18
C GLU A 82 -1.82 -5.38 0.42
N GLU A 83 -2.16 -5.92 1.58
CA GLU A 83 -3.39 -5.51 2.27
C GLU A 83 -3.36 -4.05 2.62
N TYR A 84 -2.16 -3.51 2.79
CA TYR A 84 -2.04 -2.12 3.14
C TYR A 84 -2.54 -1.21 2.05
N CYS A 85 -1.98 -1.31 0.84
CA CYS A 85 -2.47 -0.46 -0.23
C CYS A 85 -3.95 -0.74 -0.44
N LYS A 86 -4.43 -1.89 0.04
CA LYS A 86 -5.84 -2.21 -0.05
C LYS A 86 -6.59 -1.32 0.95
N ASP A 87 -5.99 -1.17 2.13
CA ASP A 87 -6.56 -0.30 3.15
C ASP A 87 -6.31 1.16 2.74
N ASN A 88 -5.16 1.36 2.08
CA ASN A 88 -4.74 2.64 1.55
C ASN A 88 -4.63 2.49 0.03
N PRO A 89 -5.80 2.43 -0.63
CA PRO A 89 -5.94 2.19 -2.07
C PRO A 89 -5.13 3.11 -2.98
N GLU A 90 -4.69 4.27 -2.50
CA GLU A 90 -3.99 5.15 -3.43
C GLU A 90 -2.47 5.28 -3.26
N THR A 91 -1.96 5.71 -2.10
CA THR A 91 -0.52 5.84 -1.98
C THR A 91 0.02 5.65 -0.59
N ASN A 92 -0.78 6.00 0.39
CA ASN A 92 -0.33 5.92 1.76
C ASN A 92 0.55 4.72 1.97
N GLU A 93 0.09 3.59 1.48
CA GLU A 93 0.86 2.38 1.54
C GLU A 93 1.43 2.11 0.21
N CYS A 94 0.81 2.74 -0.77
CA CYS A 94 1.13 2.51 -2.11
C CYS A 94 2.27 3.40 -2.62
N ARG A 95 2.98 4.03 -1.69
CA ARG A 95 4.10 4.89 -2.03
C ARG A 95 5.39 4.26 -1.52
N THR A 96 5.32 3.74 -0.29
CA THR A 96 6.45 3.09 0.35
C THR A 96 5.98 2.27 1.54
N TYR A 97 6.89 1.55 2.18
CA TYR A 97 6.55 0.73 3.34
C TYR A 97 5.83 1.56 4.40
N ASP A 98 6.28 2.80 4.58
CA ASP A 98 5.68 3.69 5.55
C ASP A 98 5.72 3.09 6.96
N ASN A 99 5.55 3.95 7.96
CA ASN A 99 5.56 3.51 9.35
C ASN A 99 4.31 3.97 10.08
N SER A 78 2.04 -12.06 -0.03
CA SER A 78 2.98 -11.44 0.94
C SER A 78 2.32 -11.28 2.31
N ASP A 79 3.05 -10.67 3.23
CA ASP A 79 2.55 -10.42 4.57
C ASP A 79 1.36 -9.47 4.51
N PRO A 80 0.52 -9.46 5.55
CA PRO A 80 -0.66 -8.59 5.62
C PRO A 80 -0.38 -7.14 5.26
N LEU A 81 0.89 -6.80 5.15
CA LEU A 81 1.31 -5.45 4.82
C LEU A 81 1.08 -5.15 3.34
N GLU A 82 1.18 -6.17 2.51
CA GLU A 82 0.98 -6.01 1.07
C GLU A 82 -0.43 -5.51 0.75
N GLU A 83 -1.41 -6.16 1.35
CA GLU A 83 -2.81 -5.77 1.14
C GLU A 83 -3.04 -4.35 1.58
N TYR A 84 -2.26 -3.89 2.55
CA TYR A 84 -2.40 -2.53 3.04
C TYR A 84 -2.17 -1.53 1.94
N CYS A 85 -0.96 -1.54 1.37
CA CYS A 85 -0.67 -0.60 0.30
C CYS A 85 -1.73 -0.68 -0.79
N LYS A 86 -2.38 -1.83 -0.88
CA LYS A 86 -3.45 -2.03 -1.84
C LYS A 86 -4.78 -1.53 -1.30
N ASP A 87 -4.94 -1.53 0.03
CA ASP A 87 -6.19 -1.12 0.66
C ASP A 87 -6.27 0.37 1.01
N ASN A 88 -5.16 1.01 1.39
CA ASN A 88 -5.20 2.41 1.77
C ASN A 88 -4.66 3.33 0.67
N PRO A 89 -5.58 3.81 -0.19
CA PRO A 89 -5.28 4.70 -1.32
C PRO A 89 -4.70 6.06 -0.91
N GLU A 90 -4.63 6.32 0.39
CA GLU A 90 -4.09 7.59 0.86
C GLU A 90 -2.55 7.60 0.72
N THR A 91 -1.93 6.56 1.25
CA THR A 91 -0.48 6.39 1.18
C THR A 91 -0.12 4.94 0.95
N ASN A 92 -0.97 4.02 1.41
CA ASN A 92 -0.75 2.62 1.13
C ASN A 92 -0.82 2.47 -0.39
N GLU A 93 -1.43 3.50 -0.97
CA GLU A 93 -1.50 3.76 -2.39
C GLU A 93 -0.07 3.97 -2.84
N CYS A 94 0.82 3.70 -1.87
CA CYS A 94 2.24 3.96 -1.90
C CYS A 94 2.88 3.63 -3.24
N ARG A 95 2.09 3.80 -4.25
CA ARG A 95 2.51 3.58 -5.62
C ARG A 95 3.32 4.76 -6.16
N THR A 96 3.16 5.91 -5.50
CA THR A 96 3.88 7.12 -5.89
C THR A 96 3.49 7.58 -7.29
N TYR A 97 4.04 6.92 -8.31
CA TYR A 97 3.77 7.27 -9.69
C TYR A 97 2.27 7.48 -9.95
N ASP A 98 1.52 6.38 -9.99
CA ASP A 98 0.09 6.45 -10.24
C ASP A 98 -0.60 7.24 -9.13
N ASN A 99 -1.61 8.01 -9.50
CA ASN A 99 -2.36 8.82 -8.55
C ASN A 99 -3.79 8.32 -8.40
N SER A 78 0.66 -12.96 0.94
CA SER A 78 1.94 -12.27 1.17
C SER A 78 1.92 -11.47 2.48
N ASP A 79 3.00 -10.75 2.72
CA ASP A 79 3.11 -9.93 3.91
C ASP A 79 2.01 -8.86 3.91
N PRO A 80 1.71 -8.29 5.10
CA PRO A 80 0.66 -7.26 5.23
C PRO A 80 0.78 -6.15 4.19
N LEU A 81 1.89 -6.12 3.50
CA LEU A 81 2.14 -5.10 2.47
C LEU A 81 1.02 -5.09 1.44
N GLU A 82 0.60 -6.28 1.02
CA GLU A 82 -0.47 -6.40 0.03
C GLU A 82 -1.77 -5.81 0.55
N GLU A 83 -2.12 -6.18 1.77
CA GLU A 83 -3.33 -5.67 2.40
C GLU A 83 -3.22 -4.19 2.63
N TYR A 84 -2.00 -3.70 2.79
CA TYR A 84 -1.78 -2.29 3.03
C TYR A 84 -2.38 -1.46 1.92
N CYS A 85 -1.91 -1.65 0.69
CA CYS A 85 -2.46 -0.89 -0.41
C CYS A 85 -3.94 -1.23 -0.58
N LYS A 86 -4.35 -2.38 -0.04
CA LYS A 86 -5.76 -2.76 -0.10
C LYS A 86 -6.56 -1.80 0.74
N ASP A 87 -6.02 -1.43 1.90
CA ASP A 87 -6.68 -0.46 2.78
C ASP A 87 -6.28 0.96 2.37
N ASN A 88 -5.03 1.10 1.93
CA ASN A 88 -4.49 2.36 1.47
C ASN A 88 -4.05 2.18 0.02
N PRO A 89 -5.01 2.09 -0.91
CA PRO A 89 -4.73 1.84 -2.32
C PRO A 89 -4.31 3.05 -3.12
N GLU A 90 -4.16 4.22 -2.51
CA GLU A 90 -3.77 5.37 -3.33
C GLU A 90 -2.33 5.81 -3.11
N THR A 91 -1.92 6.16 -1.89
CA THR A 91 -0.53 6.56 -1.72
C THR A 91 0.04 6.32 -0.35
N ASN A 92 -0.80 6.40 0.65
CA ASN A 92 -0.31 6.25 2.00
C ASN A 92 0.65 5.10 2.09
N GLU A 93 0.21 3.98 1.59
CA GLU A 93 1.02 2.80 1.53
C GLU A 93 1.46 2.60 0.12
N CYS A 94 0.70 3.26 -0.75
CA CYS A 94 0.88 3.10 -2.13
C CYS A 94 1.68 4.23 -2.76
N ARG A 95 2.52 4.87 -1.96
CA ARG A 95 3.35 5.97 -2.44
C ARG A 95 4.22 5.53 -3.61
N THR A 96 4.60 4.25 -3.61
CA THR A 96 5.44 3.71 -4.67
C THR A 96 4.58 3.14 -5.80
N TYR A 97 5.24 2.77 -6.90
CA TYR A 97 4.54 2.21 -8.05
C TYR A 97 4.63 0.70 -8.07
N ASP A 98 5.84 0.18 -8.20
CA ASP A 98 6.07 -1.26 -8.23
C ASP A 98 7.28 -1.64 -7.39
N ASN A 99 7.33 -2.89 -6.94
CA ASN A 99 8.43 -3.38 -6.13
C ASN A 99 8.96 -4.69 -6.69
N SER A 78 1.01 -12.40 1.18
CA SER A 78 2.18 -11.68 1.76
C SER A 78 1.85 -11.11 3.14
N ASP A 79 2.76 -10.31 3.66
CA ASP A 79 2.57 -9.68 4.95
C ASP A 79 1.50 -8.60 4.85
N PRO A 80 0.91 -8.20 5.99
CA PRO A 80 -0.14 -7.18 6.02
C PRO A 80 0.22 -5.90 5.25
N LEU A 81 1.47 -5.81 4.85
CA LEU A 81 1.96 -4.65 4.12
C LEU A 81 1.39 -4.62 2.70
N GLU A 82 1.34 -5.79 2.07
CA GLU A 82 0.82 -5.89 0.70
C GLU A 82 -0.63 -5.47 0.64
N GLU A 83 -1.46 -6.08 1.46
CA GLU A 83 -2.88 -5.76 1.50
C GLU A 83 -3.09 -4.29 1.81
N TYR A 84 -2.15 -3.71 2.53
CA TYR A 84 -2.25 -2.30 2.89
C TYR A 84 -2.22 -1.44 1.64
N CYS A 85 -1.13 -1.50 0.90
CA CYS A 85 -1.03 -0.70 -0.29
C CYS A 85 -2.22 -0.97 -1.21
N LYS A 86 -2.92 -2.07 -0.98
CA LYS A 86 -4.10 -2.38 -1.76
C LYS A 86 -5.30 -1.63 -1.19
N ASP A 87 -5.40 -1.58 0.15
CA ASP A 87 -6.52 -0.92 0.83
C ASP A 87 -6.22 0.49 1.37
N ASN A 88 -5.00 1.00 1.23
CA ASN A 88 -4.65 2.32 1.78
C ASN A 88 -4.75 3.49 0.81
N PRO A 89 -5.94 4.07 0.66
CA PRO A 89 -6.14 5.23 -0.21
C PRO A 89 -4.96 6.21 -0.11
N GLU A 90 -4.35 6.24 1.07
CA GLU A 90 -3.20 7.10 1.33
C GLU A 90 -1.91 6.28 1.25
N THR A 91 -2.01 5.00 1.60
CA THR A 91 -0.87 4.08 1.55
C THR A 91 -1.09 3.01 0.50
N ASN A 92 -2.20 3.12 -0.22
CA ASN A 92 -2.47 2.23 -1.34
C ASN A 92 -1.79 2.88 -2.51
N GLU A 93 -1.48 4.14 -2.26
CA GLU A 93 -0.76 4.98 -3.18
C GLU A 93 0.69 4.91 -2.76
N CYS A 94 0.91 4.14 -1.69
CA CYS A 94 2.22 4.02 -1.10
C CYS A 94 3.26 3.70 -2.14
N ARG A 95 2.82 3.08 -3.22
CA ARG A 95 3.71 2.71 -4.31
C ARG A 95 4.53 3.93 -4.77
N THR A 96 3.97 5.11 -4.56
CA THR A 96 4.63 6.36 -4.91
C THR A 96 4.85 7.20 -3.65
N TYR A 97 5.07 8.50 -3.83
CA TYR A 97 5.29 9.40 -2.70
C TYR A 97 3.98 10.07 -2.27
N ASP A 98 3.44 10.91 -3.14
CA ASP A 98 2.20 11.62 -2.85
C ASP A 98 1.66 12.31 -4.10
N ASN A 99 0.46 12.89 -3.98
CA ASN A 99 -0.16 13.58 -5.09
C ASN A 99 -0.39 12.64 -6.26
N SER A 78 -2.41 -11.99 1.68
CA SER A 78 -0.95 -11.83 1.42
C SER A 78 -0.24 -11.19 2.60
N ASP A 79 1.02 -10.86 2.39
CA ASP A 79 1.83 -10.21 3.42
C ASP A 79 1.32 -8.80 3.67
N PRO A 80 1.65 -8.21 4.83
CA PRO A 80 1.22 -6.85 5.18
C PRO A 80 1.48 -5.82 4.09
N LEU A 81 2.23 -6.23 3.08
CA LEU A 81 2.56 -5.34 1.96
C LEU A 81 1.36 -5.13 1.04
N GLU A 82 0.78 -6.22 0.58
CA GLU A 82 -0.38 -6.14 -0.33
C GLU A 82 -1.61 -5.61 0.40
N GLU A 83 -1.79 -6.06 1.63
CA GLU A 83 -2.94 -5.64 2.43
C GLU A 83 -2.87 -4.16 2.75
N TYR A 84 -1.66 -3.62 2.82
CA TYR A 84 -1.52 -2.21 3.14
C TYR A 84 -2.03 -1.34 2.02
N CYS A 85 -1.42 -1.45 0.85
CA CYS A 85 -1.84 -0.65 -0.28
C CYS A 85 -3.34 -0.82 -0.51
N LYS A 86 -3.91 -1.93 -0.05
CA LYS A 86 -5.35 -2.13 -0.15
C LYS A 86 -5.99 -1.27 0.94
N ASP A 87 -5.34 -1.27 2.11
CA ASP A 87 -5.77 -0.46 3.24
C ASP A 87 -5.51 1.02 2.95
N ASN A 88 -4.55 1.26 2.07
CA ASN A 88 -4.11 2.58 1.68
C ASN A 88 -4.85 3.11 0.44
N PRO A 89 -6.04 3.70 0.64
CA PRO A 89 -6.83 4.29 -0.45
C PRO A 89 -6.11 5.47 -1.07
N GLU A 90 -5.63 6.36 -0.20
CA GLU A 90 -4.87 7.53 -0.63
C GLU A 90 -3.38 7.26 -0.44
N THR A 91 -3.08 6.00 -0.15
CA THR A 91 -1.72 5.53 0.04
C THR A 91 -1.60 4.15 -0.58
N ASN A 92 -2.52 3.83 -1.51
CA ASN A 92 -2.44 2.60 -2.29
C ASN A 92 -1.16 2.76 -3.10
N GLU A 93 -0.60 3.94 -2.86
CA GLU A 93 0.64 4.44 -3.41
C GLU A 93 1.70 4.11 -2.40
N CYS A 94 1.25 3.38 -1.37
CA CYS A 94 2.01 3.05 -0.20
C CYS A 94 3.41 2.55 -0.49
N ARG A 95 3.92 3.05 -1.56
CA ARG A 95 5.27 2.72 -2.01
C ARG A 95 6.30 3.27 -1.01
N THR A 96 5.93 4.36 -0.35
CA THR A 96 6.81 5.00 0.62
C THR A 96 6.63 4.38 2.00
N TYR A 97 7.12 5.07 3.04
CA TYR A 97 7.00 4.57 4.40
C TYR A 97 5.93 5.33 5.19
N ASP A 98 6.22 6.60 5.50
CA ASP A 98 5.28 7.43 6.24
C ASP A 98 4.09 7.82 5.38
N ASN A 99 3.13 8.51 5.98
CA ASN A 99 1.94 8.95 5.27
C ASN A 99 2.22 10.22 4.47
N SER A 78 1.86 -12.48 -0.04
CA SER A 78 3.03 -11.59 0.22
C SER A 78 2.95 -10.98 1.62
N ASP A 79 3.91 -10.10 1.90
CA ASP A 79 3.96 -9.42 3.19
C ASP A 79 2.71 -8.58 3.38
N PRO A 80 2.38 -8.22 4.63
CA PRO A 80 1.20 -7.42 4.95
C PRO A 80 1.05 -6.17 4.07
N LEU A 81 2.10 -5.87 3.33
CA LEU A 81 2.10 -4.71 2.44
C LEU A 81 0.98 -4.81 1.40
N GLU A 82 0.62 -6.04 1.05
CA GLU A 82 -0.43 -6.26 0.06
C GLU A 82 -1.76 -5.70 0.55
N GLU A 83 -2.17 -6.13 1.74
CA GLU A 83 -3.41 -5.65 2.33
C GLU A 83 -3.32 -4.16 2.58
N TYR A 84 -2.11 -3.67 2.78
CA TYR A 84 -1.92 -2.27 3.05
C TYR A 84 -2.54 -1.42 1.96
N CYS A 85 -2.06 -1.59 0.73
CA CYS A 85 -2.62 -0.82 -0.37
C CYS A 85 -4.10 -1.16 -0.52
N LYS A 86 -4.50 -2.33 -0.01
CA LYS A 86 -5.91 -2.71 -0.06
C LYS A 86 -6.72 -1.72 0.77
N ASP A 87 -6.17 -1.34 1.92
CA ASP A 87 -6.82 -0.36 2.79
C ASP A 87 -6.40 1.05 2.36
N ASN A 88 -5.15 1.17 1.92
CA ASN A 88 -4.58 2.42 1.45
C ASN A 88 -4.17 2.21 0.00
N PRO A 89 -5.16 2.16 -0.90
CA PRO A 89 -4.94 1.89 -2.32
C PRO A 89 -4.42 3.06 -3.14
N GLU A 90 -4.22 4.22 -2.56
CA GLU A 90 -3.74 5.31 -3.40
C GLU A 90 -2.27 5.69 -3.17
N THR A 91 -1.87 6.07 -1.95
CA THR A 91 -0.47 6.39 -1.76
C THR A 91 0.06 6.18 -0.38
N ASN A 92 -0.80 6.35 0.61
CA ASN A 92 -0.35 6.24 1.97
C ASN A 92 0.58 5.07 2.12
N GLU A 93 0.14 3.95 1.63
CA GLU A 93 0.93 2.75 1.62
C GLU A 93 1.40 2.52 0.23
N CYS A 94 0.70 3.18 -0.67
CA CYS A 94 0.91 2.99 -2.04
C CYS A 94 1.84 4.03 -2.65
N ARG A 95 2.71 4.59 -1.81
CA ARG A 95 3.68 5.57 -2.27
C ARG A 95 4.72 4.93 -3.17
N THR A 96 5.17 3.74 -2.78
CA THR A 96 6.16 2.98 -3.54
C THR A 96 7.30 3.88 -4.05
N TYR A 97 8.11 3.34 -4.94
CA TYR A 97 9.23 4.09 -5.51
C TYR A 97 8.76 5.41 -6.11
N ASP A 98 7.60 5.37 -6.75
CA ASP A 98 7.04 6.56 -7.38
C ASP A 98 5.55 6.38 -7.65
N ASN A 99 4.83 7.49 -7.78
CA ASN A 99 3.40 7.46 -8.04
C ASN A 99 2.93 8.75 -8.69
N SER A 78 -0.48 -12.74 0.70
CA SER A 78 0.91 -12.19 0.74
C SER A 78 1.18 -11.48 2.05
N ASP A 79 2.38 -10.91 2.16
CA ASP A 79 2.77 -10.18 3.35
C ASP A 79 1.83 -9.00 3.57
N PRO A 80 1.78 -8.47 4.81
CA PRO A 80 0.90 -7.35 5.16
C PRO A 80 0.97 -6.18 4.19
N LEU A 81 1.94 -6.23 3.30
CA LEU A 81 2.13 -5.17 2.30
C LEU A 81 0.94 -5.12 1.35
N GLU A 82 0.47 -6.29 0.94
CA GLU A 82 -0.66 -6.37 0.02
C GLU A 82 -1.90 -5.75 0.64
N GLU A 83 -2.18 -6.11 1.88
CA GLU A 83 -3.33 -5.59 2.59
C GLU A 83 -3.18 -4.09 2.81
N TYR A 84 -1.95 -3.62 2.88
CA TYR A 84 -1.71 -2.21 3.10
C TYR A 84 -2.37 -1.39 2.01
N CYS A 85 -1.96 -1.60 0.77
CA CYS A 85 -2.55 -0.85 -0.32
C CYS A 85 -4.03 -1.24 -0.43
N LYS A 86 -4.39 -2.40 0.14
CA LYS A 86 -5.78 -2.82 0.13
C LYS A 86 -6.60 -1.82 0.95
N ASP A 87 -6.01 -1.40 2.07
CA ASP A 87 -6.65 -0.40 2.93
C ASP A 87 -6.27 1.00 2.46
N ASN A 88 -5.02 1.13 1.99
CA ASN A 88 -4.49 2.38 1.47
C ASN A 88 -4.06 2.14 0.03
N PRO A 89 -5.03 2.00 -0.89
CA PRO A 89 -4.75 1.71 -2.29
C PRO A 89 -4.36 2.88 -3.15
N GLU A 90 -4.24 4.09 -2.59
CA GLU A 90 -3.90 5.19 -3.46
C GLU A 90 -2.47 5.71 -3.29
N THR A 91 -2.05 6.13 -2.10
CA THR A 91 -0.68 6.62 -1.98
C THR A 91 -0.05 6.45 -0.63
N ASN A 92 -0.85 6.50 0.40
CA ASN A 92 -0.31 6.44 1.73
C ASN A 92 0.64 5.28 1.89
N GLU A 93 0.18 4.14 1.46
CA GLU A 93 1.00 2.95 1.50
C GLU A 93 1.46 2.62 0.14
N CYS A 94 0.81 3.25 -0.81
CA CYS A 94 1.01 2.93 -2.16
C CYS A 94 2.09 3.78 -2.85
N ARG A 95 2.39 4.94 -2.30
CA ARG A 95 3.41 5.81 -2.89
C ARG A 95 4.64 5.93 -2.00
N THR A 96 4.40 6.07 -0.70
CA THR A 96 5.49 6.21 0.26
C THR A 96 5.53 5.05 1.25
N TYR A 97 4.40 4.79 1.90
CA TYR A 97 4.31 3.70 2.86
C TYR A 97 5.34 3.87 3.98
N ASP A 98 6.57 3.42 3.73
CA ASP A 98 7.64 3.53 4.71
C ASP A 98 8.51 4.74 4.44
N ASN A 99 8.91 5.43 5.51
CA ASN A 99 9.74 6.62 5.38
C ASN A 99 11.08 6.27 4.75
N SER A 78 0.81 -12.81 1.00
CA SER A 78 1.83 -12.26 1.92
C SER A 78 1.19 -11.68 3.17
N ASP A 79 2.04 -11.11 4.03
CA ASP A 79 1.56 -10.49 5.25
C ASP A 79 0.65 -9.32 4.93
N PRO A 80 -0.19 -8.89 5.88
CA PRO A 80 -1.12 -7.77 5.70
C PRO A 80 -0.46 -6.53 5.08
N LEU A 81 0.85 -6.54 5.02
CA LEU A 81 1.60 -5.42 4.46
C LEU A 81 1.23 -5.18 3.00
N GLU A 82 1.24 -6.24 2.20
CA GLU A 82 0.91 -6.14 0.79
C GLU A 82 -0.51 -5.62 0.59
N GLU A 83 -1.45 -6.21 1.31
CA GLU A 83 -2.85 -5.79 1.21
C GLU A 83 -3.02 -4.36 1.68
N TYR A 84 -2.13 -3.91 2.56
CA TYR A 84 -2.23 -2.56 3.07
C TYR A 84 -2.05 -1.55 1.96
N CYS A 85 -0.89 -1.58 1.32
CA CYS A 85 -0.61 -0.63 0.26
C CYS A 85 -1.71 -0.65 -0.80
N LYS A 86 -2.31 -1.81 -1.02
CA LYS A 86 -3.40 -1.90 -1.98
C LYS A 86 -4.73 -1.51 -1.32
N ASP A 87 -4.80 -1.61 0.01
CA ASP A 87 -6.04 -1.29 0.73
C ASP A 87 -6.16 0.19 1.12
N ASN A 88 -5.06 0.88 1.46
CA ASN A 88 -5.14 2.27 1.86
C ASN A 88 -4.65 3.21 0.76
N PRO A 89 -5.61 3.68 -0.07
CA PRO A 89 -5.37 4.59 -1.19
C PRO A 89 -4.80 5.96 -0.78
N GLU A 90 -4.69 6.21 0.52
CA GLU A 90 -4.16 7.49 0.99
C GLU A 90 -2.63 7.54 0.82
N THR A 91 -1.96 6.51 1.32
CA THR A 91 -0.51 6.38 1.21
C THR A 91 -0.12 4.94 0.97
N ASN A 92 -0.94 4.00 1.44
CA ASN A 92 -0.70 2.61 1.16
C ASN A 92 -0.79 2.47 -0.37
N GLU A 93 -1.43 3.50 -0.93
CA GLU A 93 -1.52 3.75 -2.35
C GLU A 93 -0.11 3.97 -2.82
N CYS A 94 0.80 3.69 -1.87
CA CYS A 94 2.20 3.95 -1.93
C CYS A 94 2.84 3.63 -3.27
N ARG A 95 2.05 3.82 -4.27
CA ARG A 95 2.45 3.58 -5.65
C ARG A 95 3.71 4.38 -5.98
N THR A 96 3.87 5.52 -5.31
CA THR A 96 5.03 6.37 -5.52
C THR A 96 5.87 6.44 -4.24
N TYR A 97 6.75 7.43 -4.17
CA TYR A 97 7.61 7.60 -3.00
C TYR A 97 7.39 8.96 -2.35
N ASP A 98 7.86 10.02 -3.02
CA ASP A 98 7.72 11.37 -2.52
C ASP A 98 6.25 11.80 -2.50
N ASN A 99 5.96 12.83 -1.72
CA ASN A 99 4.59 13.34 -1.60
C ASN A 99 4.58 14.70 -0.90
N SER A 78 0.59 -12.34 -0.58
CA SER A 78 1.89 -11.68 -0.34
C SER A 78 2.04 -11.24 1.10
N ASP A 79 3.14 -10.56 1.40
CA ASP A 79 3.39 -10.05 2.73
C ASP A 79 2.29 -9.09 3.16
N PRO A 80 2.13 -8.86 4.47
CA PRO A 80 1.10 -7.97 5.01
C PRO A 80 1.01 -6.63 4.28
N LEU A 81 2.00 -6.35 3.46
CA LEU A 81 2.05 -5.10 2.70
C LEU A 81 0.93 -5.06 1.66
N GLU A 82 0.50 -6.23 1.20
CA GLU A 82 -0.56 -6.32 0.21
C GLU A 82 -1.85 -5.72 0.73
N GLU A 83 -2.18 -6.05 1.97
CA GLU A 83 -3.39 -5.53 2.61
C GLU A 83 -3.28 -4.04 2.80
N TYR A 84 -2.05 -3.55 2.94
CA TYR A 84 -1.85 -2.13 3.15
C TYR A 84 -2.43 -1.33 2.00
N CYS A 85 -1.94 -1.56 0.79
CA CYS A 85 -2.47 -0.84 -0.35
C CYS A 85 -3.94 -1.21 -0.52
N LYS A 86 -4.35 -2.35 0.06
CA LYS A 86 -5.75 -2.75 -0.02
C LYS A 86 -6.58 -1.75 0.77
N ASP A 87 -6.05 -1.34 1.93
CA ASP A 87 -6.73 -0.35 2.76
C ASP A 87 -6.34 1.05 2.30
N ASN A 88 -5.09 1.19 1.88
CA ASN A 88 -4.55 2.45 1.38
C ASN A 88 -4.07 2.21 -0.05
N PRO A 89 -5.03 2.08 -0.99
CA PRO A 89 -4.72 1.79 -2.39
C PRO A 89 -4.29 2.96 -3.22
N GLU A 90 -4.16 4.16 -2.66
CA GLU A 90 -3.74 5.27 -3.51
C GLU A 90 -2.31 5.73 -3.28
N THR A 91 -1.93 6.14 -2.07
CA THR A 91 -0.55 6.53 -1.86
C THR A 91 -0.01 6.36 -0.49
N ASN A 92 -0.87 6.48 0.50
CA ASN A 92 -0.43 6.39 1.86
C ASN A 92 0.55 5.26 2.02
N GLU A 93 0.12 4.10 1.56
CA GLU A 93 0.95 2.93 1.57
C GLU A 93 1.42 2.69 0.17
N CYS A 94 0.69 3.31 -0.74
CA CYS A 94 0.90 3.10 -2.11
C CYS A 94 1.73 4.20 -2.76
N ARG A 95 2.54 4.86 -1.95
CA ARG A 95 3.40 5.93 -2.43
C ARG A 95 4.45 5.40 -3.41
N THR A 96 4.78 4.12 -3.29
CA THR A 96 5.77 3.49 -4.16
C THR A 96 5.40 3.68 -5.63
N TYR A 97 6.23 3.12 -6.51
CA TYR A 97 6.00 3.22 -7.95
C TYR A 97 5.06 2.12 -8.43
N ASP A 98 5.50 0.88 -8.29
CA ASP A 98 4.70 -0.27 -8.71
C ASP A 98 3.61 -0.58 -7.70
N ASN A 99 2.56 -1.25 -8.16
CA ASN A 99 1.45 -1.61 -7.29
C ASN A 99 0.79 -0.36 -6.70
N SER A 78 0.26 -12.51 0.04
CA SER A 78 1.58 -11.83 0.12
C SER A 78 1.82 -11.24 1.50
N ASP A 79 2.94 -10.54 1.64
CA ASP A 79 3.30 -9.92 2.90
C ASP A 79 2.24 -8.89 3.29
N PRO A 80 2.17 -8.51 4.56
CA PRO A 80 1.20 -7.53 5.06
C PRO A 80 1.11 -6.26 4.23
N LEU A 81 2.05 -6.10 3.31
CA LEU A 81 2.10 -4.94 2.45
C LEU A 81 0.94 -4.96 1.45
N GLU A 82 0.52 -6.17 1.07
CA GLU A 82 -0.58 -6.33 0.12
C GLU A 82 -1.86 -5.72 0.66
N GLU A 83 -2.23 -6.12 1.87
CA GLU A 83 -3.43 -5.60 2.50
C GLU A 83 -3.31 -4.11 2.73
N TYR A 84 -2.08 -3.63 2.86
CA TYR A 84 -1.85 -2.22 3.09
C TYR A 84 -2.46 -1.40 1.98
N CYS A 85 -2.00 -1.61 0.75
CA CYS A 85 -2.55 -0.87 -0.36
C CYS A 85 -4.02 -1.22 -0.52
N LYS A 86 -4.44 -2.36 0.03
CA LYS A 86 -5.83 -2.76 -0.02
C LYS A 86 -6.65 -1.76 0.78
N ASP A 87 -6.10 -1.36 1.94
CA ASP A 87 -6.76 -0.37 2.79
C ASP A 87 -6.34 1.03 2.34
N ASN A 88 -5.09 1.16 1.91
CA ASN A 88 -4.54 2.40 1.42
C ASN A 88 -4.10 2.18 -0.02
N PRO A 89 -5.06 2.09 -0.95
CA PRO A 89 -4.78 1.80 -2.35
C PRO A 89 -4.34 2.97 -3.19
N GLU A 90 -4.17 4.17 -2.61
CA GLU A 90 -3.76 5.27 -3.46
C GLU A 90 -2.31 5.70 -3.24
N THR A 91 -1.92 6.10 -2.02
CA THR A 91 -0.52 6.47 -1.83
C THR A 91 0.00 6.29 -0.44
N ASN A 92 -0.86 6.42 0.53
CA ASN A 92 -0.40 6.33 1.90
C ASN A 92 0.56 5.18 2.05
N GLU A 93 0.13 4.05 1.58
CA GLU A 93 0.95 2.86 1.58
C GLU A 93 1.42 2.62 0.19
N CYS A 94 0.69 3.25 -0.71
CA CYS A 94 0.91 3.05 -2.09
C CYS A 94 1.78 4.12 -2.72
N ARG A 95 2.60 4.77 -1.90
CA ARG A 95 3.50 5.82 -2.38
C ARG A 95 4.72 5.21 -3.05
N THR A 96 5.15 4.06 -2.56
CA THR A 96 6.31 3.36 -3.11
C THR A 96 7.55 4.26 -3.08
N TYR A 97 7.69 5.12 -4.08
CA TYR A 97 8.83 6.03 -4.17
C TYR A 97 9.03 6.79 -2.86
N ASP A 98 8.09 7.65 -2.52
CA ASP A 98 8.16 8.44 -1.30
C ASP A 98 8.08 7.54 -0.07
N ASN A 99 8.35 8.12 1.10
CA ASN A 99 8.30 7.36 2.35
C ASN A 99 8.37 8.30 3.54
N SER A 78 0.07 -12.33 1.26
CA SER A 78 1.33 -11.82 1.85
C SER A 78 1.08 -11.19 3.21
N ASP A 79 2.11 -10.52 3.72
CA ASP A 79 2.01 -9.84 5.00
C ASP A 79 1.10 -8.62 4.86
N PRO A 80 0.57 -8.12 5.99
CA PRO A 80 -0.33 -6.94 5.98
C PRO A 80 0.22 -5.78 5.18
N LEU A 81 1.49 -5.87 4.82
CA LEU A 81 2.15 -4.83 4.05
C LEU A 81 1.60 -4.75 2.64
N GLU A 82 1.30 -5.91 2.05
CA GLU A 82 0.77 -5.97 0.70
C GLU A 82 -0.69 -5.53 0.67
N GLU A 83 -1.49 -6.10 1.55
CA GLU A 83 -2.91 -5.76 1.62
C GLU A 83 -3.09 -4.28 1.90
N TYR A 84 -2.12 -3.69 2.57
CA TYR A 84 -2.23 -2.28 2.90
C TYR A 84 -2.15 -1.42 1.66
N CYS A 85 -1.04 -1.49 0.95
CA CYS A 85 -0.90 -0.67 -0.23
C CYS A 85 -2.04 -0.90 -1.21
N LYS A 86 -2.76 -2.00 -1.08
CA LYS A 86 -3.90 -2.23 -1.94
C LYS A 86 -5.14 -1.54 -1.36
N ASP A 87 -5.26 -1.57 -0.02
CA ASP A 87 -6.42 -0.97 0.67
C ASP A 87 -6.17 0.44 1.27
N ASN A 88 -4.95 0.98 1.18
CA ASN A 88 -4.66 2.29 1.78
C ASN A 88 -4.77 3.48 0.84
N PRO A 89 -5.98 4.04 0.67
CA PRO A 89 -6.19 5.21 -0.18
C PRO A 89 -5.04 6.20 -0.08
N GLU A 90 -4.42 6.24 1.11
CA GLU A 90 -3.28 7.12 1.37
C GLU A 90 -1.97 6.33 1.30
N THR A 91 -2.05 5.05 1.66
CA THR A 91 -0.90 4.14 1.63
C THR A 91 -1.09 3.06 0.57
N ASN A 92 -2.19 3.15 -0.16
CA ASN A 92 -2.43 2.25 -1.27
C ASN A 92 -1.77 2.91 -2.44
N GLU A 93 -1.47 4.18 -2.20
CA GLU A 93 -0.76 5.00 -3.14
C GLU A 93 0.70 4.94 -2.75
N CYS A 94 0.93 4.21 -1.64
CA CYS A 94 2.24 4.10 -1.07
C CYS A 94 3.26 3.69 -2.13
N ARG A 95 2.76 2.95 -3.11
CA ARG A 95 3.61 2.48 -4.20
C ARG A 95 3.95 3.62 -5.16
N THR A 96 3.09 4.62 -5.22
CA THR A 96 3.31 5.77 -6.08
C THR A 96 4.03 6.88 -5.35
N TYR A 97 4.08 8.06 -5.95
CA TYR A 97 4.74 9.22 -5.36
C TYR A 97 3.95 9.73 -4.16
N ASP A 98 4.32 10.91 -3.68
CA ASP A 98 3.65 11.52 -2.53
C ASP A 98 2.69 12.60 -2.98
N ASN A 99 2.15 12.40 -4.16
CA ASN A 99 1.21 13.34 -4.75
C ASN A 99 0.08 12.60 -5.46
N SER A 78 -1.83 -11.39 -1.39
CA SER A 78 -0.37 -11.09 -1.41
C SER A 78 0.21 -11.08 -0.01
N ASP A 79 1.46 -10.64 0.09
CA ASP A 79 2.15 -10.53 1.36
C ASP A 79 1.48 -9.46 2.21
N PRO A 80 1.68 -9.50 3.53
CA PRO A 80 1.10 -8.52 4.46
C PRO A 80 1.31 -7.08 4.02
N LEU A 81 2.18 -6.90 3.05
CA LEU A 81 2.50 -5.59 2.52
C LEU A 81 1.33 -5.02 1.71
N GLU A 82 0.86 -5.80 0.75
CA GLU A 82 -0.25 -5.39 -0.09
C GLU A 82 -1.48 -5.05 0.74
N GLU A 83 -1.56 -5.61 1.94
CA GLU A 83 -2.70 -5.34 2.80
C GLU A 83 -2.99 -3.86 2.89
N TYR A 84 -1.93 -3.07 3.10
CA TYR A 84 -2.10 -1.65 3.19
C TYR A 84 -2.29 -1.08 1.81
N CYS A 85 -1.58 -1.61 0.82
CA CYS A 85 -1.80 -1.11 -0.53
C CYS A 85 -3.30 -1.17 -0.78
N LYS A 86 -3.96 -2.12 -0.11
CA LYS A 86 -5.41 -2.26 -0.17
C LYS A 86 -6.08 -1.33 0.85
N ASP A 87 -5.51 -1.23 2.06
CA ASP A 87 -6.07 -0.36 3.10
C ASP A 87 -5.92 1.11 2.72
N ASN A 88 -4.80 1.40 2.06
CA ASN A 88 -4.45 2.73 1.58
C ASN A 88 -4.99 2.93 0.17
N PRO A 89 -6.17 3.55 0.08
CA PRO A 89 -6.87 3.76 -1.19
C PRO A 89 -6.22 4.75 -2.16
N GLU A 90 -5.45 5.73 -1.69
CA GLU A 90 -4.91 6.72 -2.64
C GLU A 90 -3.40 6.68 -2.97
N THR A 91 -2.49 6.76 -1.98
CA THR A 91 -1.05 6.76 -2.34
C THR A 91 -0.12 6.09 -1.34
N ASN A 92 -0.48 6.15 -0.07
CA ASN A 92 0.34 5.58 1.00
C ASN A 92 0.26 4.07 1.01
N GLU A 93 -0.56 3.55 0.14
CA GLU A 93 -0.78 2.15 0.02
C GLU A 93 0.42 1.54 -0.55
N CYS A 94 0.83 2.12 -1.63
CA CYS A 94 1.92 1.59 -2.32
C CYS A 94 3.13 2.53 -2.37
N ARG A 95 3.18 3.50 -1.45
CA ARG A 95 4.30 4.43 -1.40
C ARG A 95 5.32 3.96 -0.38
N THR A 96 4.83 3.52 0.76
CA THR A 96 5.67 3.02 1.83
C THR A 96 6.54 1.86 1.36
N TYR A 97 5.91 0.91 0.66
CA TYR A 97 6.60 -0.26 0.13
C TYR A 97 7.46 -0.93 1.21
N ASP A 98 8.71 -0.49 1.32
CA ASP A 98 9.63 -1.05 2.31
C ASP A 98 9.15 -0.77 3.73
N ASN A 99 9.85 -1.32 4.71
CA ASN A 99 9.50 -1.14 6.11
C ASN A 99 9.73 0.31 6.55
#